data_4OGM
#
_entry.id   4OGM
#
_cell.length_a   66.224
_cell.length_b   74.710
_cell.length_c   97.517
_cell.angle_alpha   90.000
_cell.angle_beta   90.000
_cell.angle_gamma   90.000
#
_symmetry.space_group_name_H-M   'P 21 21 21'
#
loop_
_entity.id
_entity.type
_entity.pdbx_description
1 polymer 'Maltose ABC transporter periplasmic protein, pilin protein chimera'
2 branched alpha-D-glucopyranose-(1-4)-alpha-D-glucopyranose
3 water water
#
_entity_poly.entity_id   1
_entity_poly.type   'polypeptide(L)'
_entity_poly.pdbx_seq_one_letter_code
;MKIEEGKLVIWINGDKGYNGLAEVGKKFEKDTGIKVTVEHPDKLEEKFPQVAATGDGPDIIFWAHDRFGGYAQSGLLAEI
TPAAAFQDKLYPFTWDAVRYNGKLIAYPIAVEALSLIYNKDLLPNPPKTWEEIPALDKELKAKGKSALMFNLQEPYFTWP
LIAADGGYAFKYAAGKYDIKDVGVDNAGAKAGLTFLVDLIKNKHMNADTDYSIAEAAFNKGETAMTINGPWAWSNIDTSA
VNYGVTVLPTFKGQPSKPFVGVLSAGINAASPNKELAKEFLENYLLTDEGLEAVNKDKPLGAVALKSYEEELAKDPRIAA
TMENAQKGEIMPNIPQMSAFWYAVRTAVINAASGRQTVDAALAAAQTNAAASNINKAKVASVESDYSSIKSAALSYYSDT
NKIPVTPDGQTGLNVLETYMESLPDKADIGGEYKLIKVGNKLVLQIGKDGEGVTLTEAQSAKLLSDIGKDKIYTGVTGDN
FGEQLKDTTKIDNKALYIVLIDNTVMDSTKGSLEHHHHHH
;
_entity_poly.pdbx_strand_id   A
#
# COMPACT_ATOMS: atom_id res chain seq x y z
N GLY A 6 -4.56 -15.49 30.72
CA GLY A 6 -4.70 -15.61 29.29
C GLY A 6 -5.64 -14.57 28.72
N LYS A 7 -5.30 -14.01 27.56
CA LYS A 7 -6.18 -13.12 26.83
C LYS A 7 -5.80 -13.13 25.35
N LEU A 8 -6.70 -12.68 24.48
CA LEU A 8 -6.40 -12.56 23.05
C LEU A 8 -6.77 -11.18 22.48
N VAL A 9 -5.77 -10.43 22.06
CA VAL A 9 -6.04 -9.21 21.32
C VAL A 9 -5.90 -9.49 19.81
N ILE A 10 -6.96 -9.21 19.08
CA ILE A 10 -6.98 -9.48 17.65
C ILE A 10 -7.01 -8.20 16.83
N TRP A 11 -6.15 -8.12 15.80
CA TRP A 11 -6.21 -7.05 14.81
C TRP A 11 -6.79 -7.50 13.47
N ILE A 12 -7.72 -6.70 12.96
CA ILE A 12 -8.30 -6.93 11.63
C ILE A 12 -8.58 -5.55 11.05
N ASN A 13 -8.52 -5.42 9.72
CA ASN A 13 -8.80 -4.11 9.08
C ASN A 13 -10.27 -3.64 9.20
N GLY A 14 -10.46 -2.31 9.16
CA GLY A 14 -11.75 -1.71 9.46
C GLY A 14 -12.86 -1.87 8.43
N ASP A 15 -12.54 -2.39 7.24
CA ASP A 15 -13.56 -2.68 6.24
C ASP A 15 -14.09 -4.13 6.36
N LYS A 16 -13.50 -4.92 7.26
CA LYS A 16 -13.94 -6.30 7.48
C LYS A 16 -14.95 -6.44 8.62
N GLY A 17 -15.51 -7.64 8.76
CA GLY A 17 -16.57 -7.86 9.73
C GLY A 17 -16.08 -8.09 11.15
N TYR A 18 -15.54 -7.03 11.76
CA TYR A 18 -14.87 -7.16 13.05
C TYR A 18 -15.85 -7.38 14.20
N ASN A 19 -17.05 -6.85 14.04
CA ASN A 19 -18.25 -7.14 14.84
C ASN A 19 -18.62 -8.62 14.87
N GLY A 20 -18.80 -9.23 13.70
CA GLY A 20 -18.99 -10.67 13.65
C GLY A 20 -17.84 -11.46 14.28
N LEU A 21 -16.61 -11.10 13.94
CA LEU A 21 -15.45 -11.78 14.51
C LEU A 21 -15.49 -11.76 16.05
N ALA A 22 -15.86 -10.60 16.60
CA ALA A 22 -15.96 -10.41 18.05
C ALA A 22 -17.08 -11.28 18.68
N GLU A 23 -18.16 -11.52 17.93
CA GLU A 23 -19.18 -12.48 18.34
C GLU A 23 -18.55 -13.83 18.57
N VAL A 24 -17.69 -14.23 17.63
CA VAL A 24 -16.98 -15.49 17.68
C VAL A 24 -16.08 -15.45 18.91
N GLY A 25 -15.45 -14.29 19.10
CA GLY A 25 -14.67 -14.03 20.29
C GLY A 25 -15.48 -14.33 21.54
N LYS A 26 -16.70 -13.81 21.59
CA LYS A 26 -17.57 -14.01 22.74
C LYS A 26 -17.83 -15.49 23.02
N LYS A 27 -18.02 -16.28 21.97
CA LYS A 27 -18.23 -17.72 22.13
C LYS A 27 -17.02 -18.40 22.78
N PHE A 28 -15.84 -18.04 22.30
CA PHE A 28 -14.60 -18.60 22.82
C PHE A 28 -14.43 -18.25 24.30
N GLU A 29 -14.75 -17.00 24.65
CA GLU A 29 -14.71 -16.55 26.04
C GLU A 29 -15.66 -17.35 26.92
N LYS A 30 -16.91 -17.47 26.46
CA LYS A 30 -17.93 -18.22 27.18
C LYS A 30 -17.48 -19.66 27.47
N ASP A 31 -16.75 -20.28 26.54
CA ASP A 31 -16.31 -21.67 26.71
C ASP A 31 -14.96 -21.82 27.42
N THR A 32 -14.18 -20.75 27.51
CA THR A 32 -12.82 -20.89 28.06
C THR A 32 -12.50 -19.85 29.13
N GLY A 33 -13.32 -18.82 29.22
CA GLY A 33 -13.11 -17.75 30.18
C GLY A 33 -12.07 -16.73 29.76
N ILE A 34 -11.54 -16.88 28.54
CA ILE A 34 -10.49 -15.99 28.00
C ILE A 34 -11.11 -14.83 27.24
N LYS A 35 -10.83 -13.59 27.64
CA LYS A 35 -11.36 -12.45 26.92
C LYS A 35 -10.75 -12.31 25.52
N VAL A 36 -11.60 -12.05 24.53
CA VAL A 36 -11.13 -11.75 23.18
C VAL A 36 -11.44 -10.31 22.80
N THR A 37 -10.42 -9.54 22.48
CA THR A 37 -10.63 -8.15 22.10
C THR A 37 -10.31 -7.94 20.63
N VAL A 38 -11.26 -7.42 19.88
CA VAL A 38 -11.08 -7.18 18.46
C VAL A 38 -10.84 -5.71 18.21
N GLU A 39 -9.67 -5.39 17.65
CA GLU A 39 -9.34 -4.02 17.32
C GLU A 39 -9.13 -3.85 15.82
N HIS A 40 -9.39 -2.65 15.31
CA HIS A 40 -9.19 -2.35 13.91
C HIS A 40 -8.43 -1.04 13.68
N PRO A 41 -7.15 -0.98 14.09
CA PRO A 41 -6.43 0.27 13.94
C PRO A 41 -6.03 0.55 12.49
N ASP A 42 -6.12 1.81 12.08
CA ASP A 42 -5.73 2.22 10.73
C ASP A 42 -4.29 1.82 10.47
N LYS A 43 -3.98 1.48 9.22
CA LYS A 43 -2.64 1.06 8.80
C LYS A 43 -2.03 -0.01 9.71
N LEU A 44 -2.86 -0.94 10.17
CA LEU A 44 -2.41 -1.98 11.08
C LEU A 44 -1.29 -2.84 10.49
N GLU A 45 -1.29 -2.97 9.17
CA GLU A 45 -0.34 -3.86 8.51
C GLU A 45 1.06 -3.25 8.53
N GLU A 46 1.10 -1.93 8.71
CA GLU A 46 2.34 -1.20 8.89
C GLU A 46 2.69 -1.06 10.34
N LYS A 47 1.69 -0.83 11.19
CA LYS A 47 1.98 -0.67 12.61
C LYS A 47 2.52 -1.96 13.25
N PHE A 48 2.08 -3.11 12.77
CA PHE A 48 2.43 -4.37 13.39
C PHE A 48 3.97 -4.63 13.44
N PRO A 49 4.70 -4.55 12.32
CA PRO A 49 6.14 -4.77 12.51
C PRO A 49 6.82 -3.66 13.30
N GLN A 50 6.04 -2.63 13.58
CA GLN A 50 6.52 -1.38 14.14
C GLN A 50 6.20 -1.24 15.65
N VAL A 51 5.26 -2.03 16.17
CA VAL A 51 4.94 -2.04 17.59
C VAL A 51 5.65 -2.98 18.57
N ALA A 52 6.16 -4.16 18.23
CA ALA A 52 6.53 -4.58 16.93
C ALA A 52 6.63 -6.08 16.64
N ALA A 53 5.54 -6.85 16.84
CA ALA A 53 4.38 -6.36 17.67
C ALA A 53 4.67 -6.69 19.15
N THR A 54 5.85 -6.36 19.63
CA THR A 54 6.21 -6.84 20.94
C THR A 54 5.88 -5.81 21.98
N GLY A 55 5.09 -4.84 21.60
CA GLY A 55 4.60 -3.94 22.62
C GLY A 55 3.10 -3.90 22.79
N ASP A 56 2.47 -2.89 22.20
CA ASP A 56 1.02 -2.73 22.22
C ASP A 56 0.42 -3.45 21.00
N GLY A 57 0.91 -4.66 20.75
CA GLY A 57 0.54 -5.42 19.57
C GLY A 57 -0.40 -6.57 19.86
N PRO A 58 -1.12 -7.05 18.84
CA PRO A 58 -2.12 -8.11 19.01
C PRO A 58 -1.45 -9.44 19.23
N ASP A 59 -2.19 -10.42 19.75
CA ASP A 59 -1.70 -11.79 19.73
C ASP A 59 -1.96 -12.41 18.36
N ILE A 60 -3.05 -12.01 17.72
CA ILE A 60 -3.42 -12.49 16.39
C ILE A 60 -3.59 -11.33 15.41
N ILE A 61 -2.92 -11.38 14.27
CA ILE A 61 -3.11 -10.33 13.28
C ILE A 61 -3.73 -10.86 11.99
N PHE A 62 -4.84 -10.22 11.59
CA PHE A 62 -5.48 -10.51 10.31
C PHE A 62 -5.08 -9.54 9.21
N TRP A 63 -4.59 -10.08 8.10
CA TRP A 63 -4.39 -9.31 6.89
C TRP A 63 -4.31 -10.27 5.71
N ALA A 64 -4.36 -9.73 4.49
CA ALA A 64 -4.02 -10.50 3.31
C ALA A 64 -2.58 -11.02 3.43
N HIS A 65 -2.36 -12.21 2.87
CA HIS A 65 -1.12 -12.96 3.02
C HIS A 65 0.15 -12.27 2.51
N ASP A 66 0.02 -11.31 1.59
CA ASP A 66 1.21 -10.66 1.03
C ASP A 66 2.09 -9.99 2.09
N ARG A 67 1.48 -9.51 3.17
CA ARG A 67 2.23 -8.86 4.24
C ARG A 67 3.09 -9.78 5.13
N PHE A 68 2.80 -11.08 5.08
CA PHE A 68 3.26 -11.99 6.13
C PHE A 68 4.70 -12.49 6.00
N GLY A 69 5.22 -12.57 4.78
CA GLY A 69 6.58 -13.02 4.59
C GLY A 69 7.52 -12.03 5.26
N GLY A 70 7.25 -10.74 5.03
CA GLY A 70 7.96 -9.69 5.74
C GLY A 70 7.96 -9.95 7.23
N TYR A 71 6.78 -10.23 7.78
CA TYR A 71 6.62 -10.46 9.22
C TYR A 71 7.47 -11.65 9.68
N ALA A 72 7.31 -12.77 8.97
CA ALA A 72 8.04 -13.98 9.26
C ALA A 72 9.55 -13.73 9.25
N GLN A 73 10.02 -13.05 8.20
CA GLN A 73 11.42 -12.73 8.04
C GLN A 73 11.97 -11.88 9.19
N SER A 74 11.17 -10.94 9.67
CA SER A 74 11.56 -10.09 10.80
C SER A 74 11.41 -10.86 12.13
N GLY A 75 10.94 -12.09 12.07
CA GLY A 75 10.81 -12.95 13.24
C GLY A 75 9.60 -12.65 14.10
N LEU A 76 8.63 -11.95 13.54
CA LEU A 76 7.47 -11.51 14.31
C LEU A 76 6.37 -12.58 14.44
N LEU A 77 6.44 -13.61 13.62
CA LEU A 77 5.38 -14.62 13.60
C LEU A 77 5.77 -15.95 14.23
N ALA A 78 4.83 -16.54 14.98
CA ALA A 78 4.96 -17.92 15.45
C ALA A 78 4.71 -18.86 14.30
N GLU A 79 5.51 -19.93 14.18
CA GLU A 79 5.21 -20.95 13.19
C GLU A 79 3.94 -21.68 13.59
N ILE A 80 2.99 -21.80 12.67
CA ILE A 80 1.81 -22.57 12.99
C ILE A 80 2.01 -23.99 12.50
N THR A 81 1.50 -24.94 13.28
CA THR A 81 1.61 -26.34 12.94
C THR A 81 0.28 -27.07 13.14
N PRO A 82 -0.68 -26.85 12.24
CA PRO A 82 -1.94 -27.59 12.26
C PRO A 82 -1.70 -29.04 11.86
N ALA A 83 -2.45 -29.98 12.45
CA ALA A 83 -2.32 -31.38 12.07
C ALA A 83 -2.85 -31.56 10.64
N ALA A 84 -2.51 -32.68 10.03
CA ALA A 84 -2.99 -32.99 8.67
C ALA A 84 -4.50 -32.96 8.57
N ALA A 85 -5.20 -33.42 9.60
CA ALA A 85 -6.67 -33.47 9.55
C ALA A 85 -7.30 -32.07 9.45
N PHE A 86 -6.68 -31.06 10.07
CA PHE A 86 -7.20 -29.71 9.96
C PHE A 86 -6.81 -29.09 8.61
N GLN A 87 -5.59 -29.39 8.14
CA GLN A 87 -5.11 -28.90 6.87
C GLN A 87 -6.01 -29.36 5.75
N ASP A 88 -6.52 -30.59 5.90
CA ASP A 88 -7.49 -31.14 4.99
C ASP A 88 -8.77 -30.30 4.83
N LYS A 89 -9.09 -29.51 5.84
CA LYS A 89 -10.33 -28.74 5.83
C LYS A 89 -10.29 -27.52 4.91
N LEU A 90 -9.10 -27.09 4.53
CA LEU A 90 -8.96 -25.88 3.70
C LEU A 90 -8.41 -26.24 2.32
N TYR A 91 -8.74 -25.47 1.30
CA TYR A 91 -8.25 -25.70 -0.07
C TYR A 91 -6.74 -25.60 -0.08
N PRO A 92 -6.08 -26.56 -0.75
CA PRO A 92 -4.61 -26.62 -0.82
C PRO A 92 -4.00 -25.30 -1.24
N PHE A 93 -4.58 -24.62 -2.22
CA PHE A 93 -3.92 -23.43 -2.71
C PHE A 93 -3.89 -22.33 -1.64
N THR A 94 -4.87 -22.31 -0.74
CA THR A 94 -4.89 -21.29 0.32
C THR A 94 -3.75 -21.46 1.35
N TRP A 95 -3.34 -22.69 1.63
CA TRP A 95 -2.18 -22.93 2.48
C TRP A 95 -0.90 -22.45 1.78
N ASP A 96 -0.86 -22.54 0.45
CA ASP A 96 0.36 -22.15 -0.26
C ASP A 96 0.59 -20.66 -0.10
N ALA A 97 -0.51 -19.88 -0.02
CA ALA A 97 -0.44 -18.44 0.20
C ALA A 97 0.24 -18.12 1.52
N VAL A 98 0.13 -19.02 2.49
CA VAL A 98 0.72 -18.75 3.82
C VAL A 98 1.90 -19.67 4.14
N ARG A 99 2.51 -20.23 3.10
CA ARG A 99 3.79 -20.92 3.22
C ARG A 99 4.94 -19.95 2.94
N TYR A 100 5.94 -19.94 3.82
CA TYR A 100 7.08 -19.06 3.63
C TYR A 100 8.35 -19.77 4.13
N ASN A 101 9.33 -19.87 3.24
CA ASN A 101 10.56 -20.63 3.46
C ASN A 101 10.31 -22.00 4.10
N GLY A 102 9.37 -22.74 3.51
CA GLY A 102 9.12 -24.11 3.91
C GLY A 102 8.28 -24.23 5.16
N LYS A 103 7.93 -23.10 5.76
CA LYS A 103 7.12 -23.11 6.96
C LYS A 103 5.77 -22.42 6.78
N LEU A 104 4.77 -22.96 7.46
CA LEU A 104 3.47 -22.33 7.58
C LEU A 104 3.53 -21.21 8.60
N ILE A 105 3.13 -20.00 8.22
CA ILE A 105 3.29 -18.85 9.10
C ILE A 105 1.98 -18.10 9.39
N ALA A 106 0.85 -18.65 8.94
CA ALA A 106 -0.46 -18.08 9.26
C ALA A 106 -1.57 -19.04 8.87
N TYR A 107 -2.78 -18.79 9.37
CA TYR A 107 -3.99 -19.47 8.90
C TYR A 107 -4.70 -18.73 7.77
N PRO A 108 -4.89 -19.40 6.62
CA PRO A 108 -5.69 -18.78 5.55
C PRO A 108 -7.19 -18.77 5.89
N ILE A 109 -7.86 -17.67 5.56
CA ILE A 109 -9.28 -17.48 5.87
C ILE A 109 -10.16 -17.38 4.61
N ALA A 110 -9.82 -16.46 3.73
CA ALA A 110 -10.70 -16.22 2.60
C ALA A 110 -9.98 -15.60 1.40
N VAL A 111 -10.49 -15.87 0.21
CA VAL A 111 -9.88 -15.37 -1.02
C VAL A 111 -10.56 -14.09 -1.47
N GLU A 112 -9.75 -13.05 -1.61
CA GLU A 112 -10.20 -11.70 -1.95
C GLU A 112 -9.77 -11.27 -3.35
N ALA A 113 -10.73 -10.96 -4.21
CA ALA A 113 -10.43 -10.35 -5.51
C ALA A 113 -11.37 -9.18 -5.79
N LEU A 114 -10.86 -8.14 -6.44
CA LEU A 114 -11.68 -7.01 -6.80
C LEU A 114 -12.62 -7.39 -7.94
N SER A 115 -13.80 -6.79 -7.98
CA SER A 115 -14.71 -6.95 -9.10
C SER A 115 -15.22 -5.58 -9.52
N LEU A 116 -15.85 -5.50 -10.68
CA LEU A 116 -16.63 -4.31 -11.02
C LEU A 116 -18.03 -4.42 -10.42
N ILE A 117 -18.39 -3.45 -9.60
CA ILE A 117 -19.73 -3.38 -9.03
C ILE A 117 -20.48 -2.26 -9.74
N TYR A 118 -21.68 -2.55 -10.23
CA TYR A 118 -22.42 -1.53 -10.98
C TYR A 118 -23.90 -1.45 -10.60
N ASN A 119 -24.46 -0.27 -10.83
CA ASN A 119 -25.85 0.03 -10.62
C ASN A 119 -26.71 -0.42 -11.82
N LYS A 120 -27.53 -1.44 -11.62
CA LYS A 120 -28.34 -2.00 -12.72
C LYS A 120 -29.36 -1.01 -13.28
N ASP A 121 -29.78 -0.07 -12.44
CA ASP A 121 -30.79 0.89 -12.85
C ASP A 121 -30.16 2.01 -13.66
N LEU A 122 -28.98 2.45 -13.25
CA LEU A 122 -28.29 3.54 -13.95
C LEU A 122 -27.56 3.01 -15.17
N LEU A 123 -27.26 1.72 -15.14
CA LEU A 123 -26.37 1.10 -16.09
C LEU A 123 -26.69 -0.36 -16.27
N PRO A 124 -27.81 -0.68 -16.95
CA PRO A 124 -28.23 -2.09 -17.04
C PRO A 124 -27.17 -2.92 -17.75
N ASN A 125 -26.41 -2.31 -18.65
CA ASN A 125 -25.28 -3.00 -19.28
C ASN A 125 -23.95 -2.33 -18.98
N PRO A 126 -23.16 -2.93 -18.08
CA PRO A 126 -21.88 -2.33 -17.71
C PRO A 126 -20.87 -2.46 -18.85
N PRO A 127 -20.05 -1.44 -19.05
CA PRO A 127 -19.05 -1.49 -20.13
C PRO A 127 -18.10 -2.68 -19.95
N LYS A 128 -17.63 -3.24 -21.06
CA LYS A 128 -16.62 -4.30 -21.04
C LYS A 128 -15.22 -3.72 -20.92
N THR A 129 -15.06 -2.45 -21.29
CA THR A 129 -13.72 -1.87 -21.43
C THR A 129 -13.62 -0.56 -20.69
N TRP A 130 -12.43 -0.26 -20.20
CA TRP A 130 -12.17 1.06 -19.62
C TRP A 130 -12.43 2.16 -20.64
N GLU A 131 -12.09 1.89 -21.91
CA GLU A 131 -12.14 2.90 -22.98
C GLU A 131 -13.51 3.58 -23.14
N GLU A 132 -14.60 2.90 -22.78
CA GLU A 132 -15.93 3.53 -22.90
C GLU A 132 -16.34 4.33 -21.64
N ILE A 133 -15.50 4.37 -20.61
CA ILE A 133 -15.87 5.10 -19.39
C ILE A 133 -16.08 6.62 -19.63
N PRO A 134 -15.15 7.30 -20.34
CA PRO A 134 -15.34 8.74 -20.61
C PRO A 134 -16.69 9.11 -21.24
N ALA A 135 -17.02 8.51 -22.38
CA ALA A 135 -18.32 8.71 -23.01
C ALA A 135 -19.45 8.36 -22.05
N LEU A 136 -19.30 7.24 -21.34
CA LEU A 136 -20.31 6.83 -20.36
C LEU A 136 -20.48 7.91 -19.29
N ASP A 137 -19.39 8.56 -18.92
CA ASP A 137 -19.43 9.61 -17.92
C ASP A 137 -20.13 10.87 -18.43
N LYS A 138 -19.81 11.28 -19.66
CA LYS A 138 -20.37 12.50 -20.24
C LYS A 138 -21.90 12.42 -20.28
N GLU A 139 -22.39 11.23 -20.57
CA GLU A 139 -23.81 11.00 -20.67
C GLU A 139 -24.46 11.00 -19.28
N LEU A 140 -23.84 10.30 -18.35
CA LEU A 140 -24.34 10.27 -16.98
C LEU A 140 -24.26 11.64 -16.30
N LYS A 141 -23.25 12.44 -16.68
CA LYS A 141 -23.10 13.78 -16.12
C LYS A 141 -24.33 14.63 -16.41
N ALA A 142 -24.91 14.46 -17.60
CA ALA A 142 -26.10 15.19 -18.00
C ALA A 142 -27.30 14.80 -17.15
N LYS A 143 -27.21 13.65 -16.49
CA LYS A 143 -28.24 13.21 -15.56
C LYS A 143 -27.92 13.62 -14.11
N GLY A 144 -26.84 14.37 -13.92
CA GLY A 144 -26.40 14.73 -12.59
C GLY A 144 -25.62 13.62 -11.89
N LYS A 145 -25.26 12.58 -12.67
CA LYS A 145 -24.50 11.44 -12.14
C LYS A 145 -23.05 11.39 -12.65
N SER A 146 -22.34 10.32 -12.30
CA SER A 146 -21.01 10.04 -12.85
C SER A 146 -20.85 8.54 -13.13
N ALA A 147 -19.86 8.19 -13.94
CA ALA A 147 -19.74 6.79 -14.38
C ALA A 147 -19.04 5.91 -13.34
N LEU A 148 -17.87 6.36 -12.89
CA LEU A 148 -17.05 5.53 -12.04
C LEU A 148 -16.39 6.33 -10.93
N MET A 149 -16.51 5.81 -9.72
CA MET A 149 -15.72 6.29 -8.59
C MET A 149 -15.18 5.07 -7.84
N PHE A 150 -13.89 5.11 -7.52
CA PHE A 150 -13.28 4.03 -6.77
C PHE A 150 -12.06 4.58 -6.00
N ASN A 151 -11.52 3.80 -5.08
CA ASN A 151 -10.43 4.29 -4.24
C ASN A 151 -9.11 4.39 -5.02
N LEU A 152 -8.85 5.59 -5.53
CA LEU A 152 -7.63 5.92 -6.27
C LEU A 152 -6.36 5.94 -5.43
N GLN A 153 -6.51 6.14 -4.13
CA GLN A 153 -5.36 6.37 -3.27
C GLN A 153 -4.56 5.10 -3.02
N GLU A 154 -5.21 3.95 -3.13
CA GLU A 154 -4.56 2.68 -2.83
C GLU A 154 -4.30 1.83 -4.10
N PRO A 155 -3.02 1.51 -4.33
CA PRO A 155 -2.56 0.84 -5.54
C PRO A 155 -3.25 -0.53 -5.76
N TYR A 156 -3.73 -1.14 -4.69
CA TYR A 156 -4.54 -2.36 -4.81
C TYR A 156 -5.64 -2.19 -5.87
N PHE A 157 -6.27 -1.02 -5.85
CA PHE A 157 -7.41 -0.69 -6.72
C PHE A 157 -7.02 -0.27 -8.14
N THR A 158 -5.79 0.17 -8.31
CA THR A 158 -5.36 0.69 -9.60
C THR A 158 -4.43 -0.29 -10.32
N TRP A 159 -3.76 -1.15 -9.55
CA TRP A 159 -2.93 -2.19 -10.12
C TRP A 159 -3.62 -3.03 -11.21
N PRO A 160 -4.91 -3.42 -11.02
CA PRO A 160 -5.47 -4.31 -12.05
C PRO A 160 -5.42 -3.69 -13.44
N LEU A 161 -5.70 -2.40 -13.52
CA LEU A 161 -5.64 -1.68 -14.78
C LEU A 161 -4.20 -1.58 -15.24
N ILE A 162 -3.33 -1.20 -14.33
CA ILE A 162 -1.96 -0.85 -14.67
C ILE A 162 -1.12 -2.08 -15.01
N ALA A 163 -1.44 -3.23 -14.41
CA ALA A 163 -0.68 -4.43 -14.72
C ALA A 163 -1.34 -5.32 -15.77
N ALA A 164 -2.41 -4.82 -16.41
CA ALA A 164 -3.24 -5.66 -17.30
C ALA A 164 -2.42 -6.39 -18.36
N ASP A 165 -1.37 -5.72 -18.86
CA ASP A 165 -0.57 -6.23 -19.95
C ASP A 165 0.82 -6.69 -19.48
N GLY A 166 0.85 -7.82 -18.78
CA GLY A 166 2.10 -8.44 -18.38
C GLY A 166 2.77 -7.85 -17.16
N GLY A 167 2.02 -7.11 -16.35
CA GLY A 167 2.57 -6.49 -15.15
C GLY A 167 2.73 -7.47 -14.02
N TYR A 168 3.73 -7.25 -13.16
CA TYR A 168 3.92 -8.10 -12.00
C TYR A 168 4.79 -7.39 -10.94
N ALA A 169 4.82 -7.93 -9.73
CA ALA A 169 5.68 -7.39 -8.70
C ALA A 169 7.09 -7.94 -8.85
N PHE A 170 7.25 -9.25 -8.63
CA PHE A 170 8.55 -9.89 -8.87
C PHE A 170 8.39 -11.19 -9.68
N LYS A 171 9.33 -11.44 -10.59
CA LYS A 171 9.25 -12.63 -11.46
C LYS A 171 9.44 -13.92 -10.68
N TYR A 172 8.59 -14.89 -10.97
CA TYR A 172 8.68 -16.21 -10.35
C TYR A 172 9.38 -17.18 -11.30
N ALA A 173 10.71 -17.12 -11.36
CA ALA A 173 11.50 -18.05 -12.15
C ALA A 173 11.66 -19.35 -11.40
N ALA A 174 11.30 -20.46 -12.05
CA ALA A 174 11.33 -21.78 -11.44
C ALA A 174 12.62 -22.05 -10.67
N GLY A 175 12.50 -22.12 -9.34
CA GLY A 175 11.21 -21.99 -8.68
C GLY A 175 11.25 -20.98 -7.54
N LYS A 176 11.49 -19.72 -7.88
CA LYS A 176 11.65 -18.67 -6.87
C LYS A 176 11.41 -17.27 -7.45
N TYR A 177 11.11 -16.32 -6.56
CA TYR A 177 10.99 -14.92 -6.96
C TYR A 177 12.37 -14.26 -7.11
N ASP A 178 12.56 -13.51 -8.19
CA ASP A 178 13.80 -12.76 -8.41
C ASP A 178 13.59 -11.30 -7.97
N ILE A 179 14.04 -10.96 -6.76
CA ILE A 179 13.75 -9.66 -6.15
C ILE A 179 14.37 -8.46 -6.84
N LYS A 180 15.15 -8.68 -7.89
CA LYS A 180 15.67 -7.55 -8.67
C LYS A 180 14.97 -7.46 -10.01
N ASP A 181 14.13 -8.45 -10.30
CA ASP A 181 13.34 -8.46 -11.53
C ASP A 181 11.92 -7.94 -11.25
N VAL A 182 11.74 -6.64 -11.44
CA VAL A 182 10.51 -5.95 -11.08
C VAL A 182 9.67 -5.59 -12.32
N GLY A 183 8.34 -5.82 -12.26
CA GLY A 183 7.49 -5.67 -13.43
C GLY A 183 6.44 -4.58 -13.37
N VAL A 184 6.79 -3.45 -12.76
CA VAL A 184 5.86 -2.35 -12.58
C VAL A 184 5.76 -1.55 -13.86
N ASP A 185 6.92 -1.20 -14.41
CA ASP A 185 7.04 -0.30 -15.56
C ASP A 185 7.03 -1.07 -16.86
N ASN A 186 6.14 -0.66 -17.76
CA ASN A 186 6.05 -1.22 -19.10
C ASN A 186 5.01 -0.46 -19.91
N ALA A 187 4.86 -0.84 -21.17
CA ALA A 187 3.98 -0.12 -22.07
C ALA A 187 2.53 -0.12 -21.57
N GLY A 188 2.07 -1.26 -21.05
CA GLY A 188 0.70 -1.36 -20.56
C GLY A 188 0.48 -0.49 -19.34
N ALA A 189 1.51 -0.38 -18.51
CA ALA A 189 1.43 0.42 -17.29
C ALA A 189 1.44 1.93 -17.62
N LYS A 190 2.32 2.33 -18.53
CA LYS A 190 2.34 3.70 -18.98
C LYS A 190 0.96 4.06 -19.51
N ALA A 191 0.43 3.23 -20.42
CA ALA A 191 -0.88 3.48 -21.01
C ALA A 191 -1.99 3.45 -19.96
N GLY A 192 -1.89 2.51 -19.04
CA GLY A 192 -2.88 2.38 -17.98
C GLY A 192 -2.88 3.58 -17.04
N LEU A 193 -1.71 3.93 -16.53
CA LEU A 193 -1.61 5.05 -15.59
C LEU A 193 -2.02 6.35 -16.31
N THR A 194 -1.52 6.54 -17.52
CA THR A 194 -1.93 7.65 -18.37
C THR A 194 -3.47 7.77 -18.52
N PHE A 195 -4.16 6.65 -18.64
CA PHE A 195 -5.61 6.68 -18.77
C PHE A 195 -6.31 7.27 -17.54
N LEU A 196 -5.86 6.87 -16.33
CA LEU A 196 -6.34 7.45 -15.07
C LEU A 196 -6.04 8.95 -14.94
N VAL A 197 -4.83 9.36 -15.31
CA VAL A 197 -4.50 10.77 -15.25
C VAL A 197 -5.40 11.56 -16.19
N ASP A 198 -5.63 11.02 -17.39
CA ASP A 198 -6.52 11.68 -18.35
C ASP A 198 -7.97 11.74 -17.90
N LEU A 199 -8.47 10.67 -17.27
CA LEU A 199 -9.80 10.70 -16.67
C LEU A 199 -9.89 11.85 -15.67
N ILE A 200 -8.84 12.02 -14.88
CA ILE A 200 -8.76 13.10 -13.94
C ILE A 200 -8.80 14.41 -14.69
N LYS A 201 -7.85 14.62 -15.60
CA LYS A 201 -7.78 15.86 -16.39
C LYS A 201 -9.05 16.17 -17.15
N ASN A 202 -9.82 15.15 -17.51
CA ASN A 202 -11.03 15.38 -18.27
C ASN A 202 -12.28 15.36 -17.38
N LYS A 203 -12.06 15.56 -16.08
CA LYS A 203 -13.13 15.68 -15.09
C LYS A 203 -14.10 14.48 -15.06
N HIS A 204 -13.58 13.29 -15.29
CA HIS A 204 -14.37 12.08 -15.15
C HIS A 204 -14.04 11.40 -13.81
N MET A 205 -13.05 11.95 -13.12
CA MET A 205 -12.59 11.46 -11.80
C MET A 205 -11.84 12.54 -11.04
N ASN A 206 -11.95 12.50 -9.72
CA ASN A 206 -11.19 13.44 -8.88
C ASN A 206 -9.97 12.75 -8.28
N ALA A 207 -8.84 13.44 -8.31
CA ALA A 207 -7.60 12.92 -7.75
C ALA A 207 -7.73 12.52 -6.29
N ASP A 208 -8.68 13.12 -5.57
CA ASP A 208 -8.75 12.90 -4.13
C ASP A 208 -9.72 11.81 -3.70
N THR A 209 -10.38 11.17 -4.66
CA THR A 209 -11.39 10.17 -4.35
C THR A 209 -10.76 8.98 -3.66
N ASP A 210 -11.31 8.63 -2.51
CA ASP A 210 -10.76 7.53 -1.72
C ASP A 210 -11.84 6.49 -1.41
N TYR A 211 -11.55 5.59 -0.46
CA TYR A 211 -12.45 4.48 -0.20
C TYR A 211 -13.82 4.96 0.27
N SER A 212 -13.83 5.75 1.34
CA SER A 212 -15.06 6.26 1.93
C SER A 212 -15.89 7.09 0.93
N ILE A 213 -15.23 8.00 0.22
CA ILE A 213 -15.92 8.83 -0.77
C ILE A 213 -16.51 7.99 -1.91
N ALA A 214 -15.69 7.12 -2.51
CA ALA A 214 -16.17 6.27 -3.61
C ALA A 214 -17.36 5.41 -3.17
N GLU A 215 -17.27 4.86 -1.94
CA GLU A 215 -18.31 3.97 -1.43
C GLU A 215 -19.62 4.70 -1.16
N ALA A 216 -19.55 5.83 -0.45
CA ALA A 216 -20.74 6.59 -0.13
C ALA A 216 -21.46 7.03 -1.40
N ALA A 217 -20.69 7.40 -2.42
CA ALA A 217 -21.28 7.85 -3.69
C ALA A 217 -22.00 6.73 -4.45
N PHE A 218 -21.45 5.52 -4.44
CA PHE A 218 -22.09 4.43 -5.15
C PHE A 218 -23.32 3.94 -4.41
N ASN A 219 -23.23 3.90 -3.08
CA ASN A 219 -24.31 3.35 -2.28
C ASN A 219 -25.48 4.35 -2.16
N LYS A 220 -25.19 5.63 -2.40
CA LYS A 220 -26.21 6.67 -2.47
C LYS A 220 -26.68 6.90 -3.90
N GLY A 221 -26.38 5.97 -4.81
CA GLY A 221 -26.83 6.01 -6.19
C GLY A 221 -26.36 7.16 -7.09
N GLU A 222 -25.23 7.75 -6.76
CA GLU A 222 -24.74 8.91 -7.50
C GLU A 222 -23.74 8.55 -8.60
N THR A 223 -23.12 7.39 -8.47
CA THR A 223 -22.13 6.95 -9.45
C THR A 223 -22.51 5.54 -9.91
N ALA A 224 -22.41 5.30 -11.21
CA ALA A 224 -22.97 4.08 -11.80
C ALA A 224 -22.13 2.83 -11.51
N MET A 225 -20.84 3.03 -11.28
CA MET A 225 -19.90 1.93 -11.07
C MET A 225 -18.89 2.19 -9.94
N THR A 226 -18.44 1.12 -9.32
CA THR A 226 -17.35 1.21 -8.38
C THR A 226 -16.51 -0.07 -8.50
N ILE A 227 -15.35 -0.05 -7.87
CA ILE A 227 -14.44 -1.18 -7.87
C ILE A 227 -14.15 -1.57 -6.42
N ASN A 228 -14.53 -2.79 -6.04
CA ASN A 228 -14.33 -3.21 -4.66
C ASN A 228 -14.39 -4.71 -4.45
N GLY A 229 -14.07 -5.15 -3.23
CA GLY A 229 -14.13 -6.55 -2.89
C GLY A 229 -15.42 -6.90 -2.17
N PRO A 230 -15.59 -8.18 -1.83
CA PRO A 230 -16.81 -8.74 -1.24
C PRO A 230 -17.20 -8.07 0.07
N TRP A 231 -16.22 -7.57 0.82
CA TRP A 231 -16.51 -6.93 2.11
C TRP A 231 -17.42 -5.71 1.94
N ALA A 232 -17.47 -5.15 0.74
CA ALA A 232 -18.28 -3.94 0.48
C ALA A 232 -19.78 -4.22 0.18
N TRP A 233 -20.13 -5.49 -0.06
CA TRP A 233 -21.49 -5.82 -0.51
C TRP A 233 -22.53 -5.55 0.56
N SER A 234 -22.15 -5.79 1.82
CA SER A 234 -23.03 -5.61 2.99
C SER A 234 -23.70 -4.25 3.01
N ASN A 235 -22.90 -3.20 2.89
CA ASN A 235 -23.44 -1.84 2.91
C ASN A 235 -24.29 -1.53 1.68
N ILE A 236 -24.02 -2.18 0.55
CA ILE A 236 -24.84 -1.91 -0.62
C ILE A 236 -26.18 -2.60 -0.45
N ASP A 237 -26.20 -3.76 0.18
CA ASP A 237 -27.46 -4.44 0.49
C ASP A 237 -28.41 -3.52 1.27
N THR A 238 -27.87 -2.81 2.26
CA THR A 238 -28.68 -1.91 3.09
C THR A 238 -29.17 -0.67 2.33
N SER A 239 -28.63 -0.42 1.14
CA SER A 239 -29.04 0.73 0.33
C SER A 239 -30.14 0.38 -0.67
N ALA A 240 -30.64 1.39 -1.39
CA ALA A 240 -31.70 1.19 -2.39
C ALA A 240 -31.18 0.69 -3.74
N VAL A 241 -29.86 0.60 -3.89
CA VAL A 241 -29.21 0.24 -5.16
C VAL A 241 -29.37 -1.24 -5.54
N ASN A 242 -29.86 -1.47 -6.74
CA ASN A 242 -29.86 -2.82 -7.28
C ASN A 242 -28.56 -3.05 -8.01
N TYR A 243 -27.59 -3.70 -7.36
CA TYR A 243 -26.25 -3.78 -7.95
C TYR A 243 -25.94 -5.15 -8.55
N GLY A 244 -25.06 -5.14 -9.54
CA GLY A 244 -24.49 -6.35 -10.09
C GLY A 244 -23.01 -6.37 -9.75
N VAL A 245 -22.44 -7.56 -9.66
CA VAL A 245 -21.00 -7.74 -9.50
C VAL A 245 -20.49 -8.47 -10.72
N THR A 246 -19.53 -7.87 -11.42
CA THR A 246 -19.08 -8.44 -12.68
C THR A 246 -17.57 -8.31 -12.95
N VAL A 247 -17.15 -8.77 -14.13
CA VAL A 247 -15.74 -8.80 -14.50
C VAL A 247 -15.17 -7.39 -14.67
N LEU A 248 -13.96 -7.17 -14.17
CA LEU A 248 -13.28 -5.89 -14.36
C LEU A 248 -13.17 -5.58 -15.85
N PRO A 249 -13.25 -4.30 -16.23
CA PRO A 249 -13.13 -3.96 -17.65
C PRO A 249 -11.74 -4.26 -18.20
N THR A 250 -11.67 -4.53 -19.50
CA THR A 250 -10.41 -4.71 -20.18
C THR A 250 -9.79 -3.36 -20.46
N PHE A 251 -8.54 -3.34 -20.87
CA PHE A 251 -7.94 -2.10 -21.31
C PHE A 251 -6.96 -2.46 -22.41
N LYS A 252 -7.10 -1.79 -23.55
CA LYS A 252 -6.37 -2.12 -24.78
C LYS A 252 -6.46 -3.62 -25.08
N GLY A 253 -7.67 -4.15 -24.94
CA GLY A 253 -7.91 -5.56 -25.20
C GLY A 253 -7.47 -6.48 -24.09
N GLN A 254 -6.65 -5.99 -23.16
CA GLN A 254 -6.10 -6.80 -22.08
C GLN A 254 -7.03 -6.87 -20.88
N PRO A 255 -7.32 -8.08 -20.39
CA PRO A 255 -8.09 -8.16 -19.15
C PRO A 255 -7.33 -7.55 -17.96
N SER A 256 -8.07 -6.97 -17.02
CA SER A 256 -7.44 -6.47 -15.80
C SER A 256 -6.81 -7.63 -15.05
N LYS A 257 -5.70 -7.36 -14.38
CA LYS A 257 -5.00 -8.38 -13.60
C LYS A 257 -4.91 -7.98 -12.13
N PRO A 258 -6.03 -8.06 -11.41
CA PRO A 258 -5.99 -7.72 -9.99
C PRO A 258 -4.99 -8.59 -9.23
N PHE A 259 -4.29 -8.03 -8.25
CA PHE A 259 -3.51 -8.89 -7.37
C PHE A 259 -4.50 -9.47 -6.40
N VAL A 260 -4.47 -10.79 -6.20
CA VAL A 260 -5.43 -11.50 -5.34
C VAL A 260 -4.89 -11.76 -3.93
N GLY A 261 -5.70 -11.42 -2.94
CA GLY A 261 -5.27 -11.55 -1.56
C GLY A 261 -5.96 -12.71 -0.87
N VAL A 262 -5.20 -13.42 -0.05
CA VAL A 262 -5.81 -14.39 0.85
C VAL A 262 -5.76 -13.83 2.28
N LEU A 263 -6.93 -13.41 2.78
CA LEU A 263 -7.06 -12.92 4.14
C LEU A 263 -6.55 -14.02 5.07
N SER A 264 -5.64 -13.64 5.97
CA SER A 264 -4.98 -14.64 6.80
C SER A 264 -4.77 -14.15 8.23
N ALA A 265 -4.69 -15.09 9.16
CA ALA A 265 -4.48 -14.78 10.57
C ALA A 265 -3.18 -15.39 11.09
N GLY A 266 -2.21 -14.54 11.38
CA GLY A 266 -0.96 -14.99 11.96
C GLY A 266 -0.91 -14.76 13.47
N ILE A 267 0.04 -15.42 14.13
CA ILE A 267 0.13 -15.38 15.58
C ILE A 267 1.43 -14.71 16.01
N ASN A 268 1.29 -13.71 16.89
CA ASN A 268 2.43 -12.92 17.35
C ASN A 268 3.47 -13.78 18.06
N ALA A 269 4.68 -13.82 17.50
CA ALA A 269 5.79 -14.57 18.13
C ALA A 269 6.02 -14.14 19.58
N ALA A 270 5.66 -12.90 19.90
CA ALA A 270 5.87 -12.37 21.23
C ALA A 270 4.71 -12.70 22.17
N SER A 271 3.70 -13.38 21.67
CA SER A 271 2.52 -13.67 22.48
C SER A 271 2.72 -14.87 23.40
N PRO A 272 2.46 -14.67 24.69
CA PRO A 272 2.43 -15.78 25.65
C PRO A 272 1.17 -16.62 25.43
N ASN A 273 0.27 -16.13 24.58
CA ASN A 273 -1.01 -16.79 24.36
C ASN A 273 -1.09 -17.49 23.01
N LYS A 274 0.04 -17.99 22.51
CA LYS A 274 0.09 -18.67 21.21
C LYS A 274 -0.88 -19.85 21.11
N GLU A 275 -1.08 -20.55 22.22
CA GLU A 275 -1.83 -21.81 22.15
C GLU A 275 -3.34 -21.58 22.20
N LEU A 276 -3.75 -20.55 22.91
CA LEU A 276 -5.16 -20.19 22.93
C LEU A 276 -5.55 -19.65 21.57
N ALA A 277 -4.58 -18.97 20.93
CA ALA A 277 -4.76 -18.41 19.61
C ALA A 277 -4.93 -19.52 18.58
N LYS A 278 -4.12 -20.56 18.70
CA LYS A 278 -4.25 -21.70 17.81
C LYS A 278 -5.60 -22.39 18.02
N GLU A 279 -6.07 -22.46 19.27
CA GLU A 279 -7.37 -23.04 19.53
C GLU A 279 -8.48 -22.16 18.99
N PHE A 280 -8.34 -20.85 19.11
CA PHE A 280 -9.40 -19.94 18.68
C PHE A 280 -9.59 -20.05 17.16
N LEU A 281 -8.48 -19.99 16.43
CA LEU A 281 -8.51 -19.99 14.97
C LEU A 281 -8.94 -21.33 14.39
N GLU A 282 -8.46 -22.44 14.95
CA GLU A 282 -8.81 -23.74 14.40
C GLU A 282 -10.22 -24.20 14.75
N ASN A 283 -10.68 -23.89 15.96
CA ASN A 283 -11.90 -24.50 16.48
C ASN A 283 -13.08 -23.54 16.70
N TYR A 284 -12.86 -22.24 16.48
CA TYR A 284 -13.95 -21.27 16.55
C TYR A 284 -14.10 -20.48 15.24
N LEU A 285 -13.05 -19.84 14.77
CA LEU A 285 -13.17 -19.02 13.57
C LEU A 285 -13.37 -19.88 12.30
N LEU A 286 -12.43 -20.79 12.06
CA LEU A 286 -12.46 -21.60 10.84
C LEU A 286 -13.38 -22.82 10.95
N THR A 287 -14.62 -22.54 11.30
CA THR A 287 -15.71 -23.51 11.31
C THR A 287 -16.82 -22.90 10.46
N ASP A 288 -17.86 -23.67 10.14
CA ASP A 288 -19.00 -23.11 9.44
C ASP A 288 -19.63 -21.98 10.26
N GLU A 289 -19.77 -22.18 11.57
CA GLU A 289 -20.38 -21.16 12.42
C GLU A 289 -19.53 -19.89 12.50
N GLY A 290 -18.23 -20.05 12.77
CA GLY A 290 -17.33 -18.92 12.93
C GLY A 290 -17.27 -18.04 11.70
N LEU A 291 -17.07 -18.63 10.53
CA LEU A 291 -16.97 -17.86 9.29
C LEU A 291 -18.33 -17.29 8.90
N GLU A 292 -19.38 -18.03 9.21
CA GLU A 292 -20.74 -17.52 8.99
C GLU A 292 -20.99 -16.22 9.77
N ALA A 293 -20.64 -16.20 11.05
CA ALA A 293 -20.81 -14.99 11.87
C ALA A 293 -20.00 -13.83 11.29
N VAL A 294 -18.75 -14.08 10.89
CA VAL A 294 -17.98 -13.00 10.25
C VAL A 294 -18.59 -12.61 8.90
N ASN A 295 -18.93 -13.60 8.08
CA ASN A 295 -19.42 -13.36 6.72
C ASN A 295 -20.73 -12.55 6.72
N LYS A 296 -21.66 -12.94 7.60
CA LYS A 296 -22.91 -12.21 7.88
C LYS A 296 -22.71 -10.70 8.10
N ASP A 297 -21.67 -10.35 8.83
CA ASP A 297 -21.32 -8.96 9.11
C ASP A 297 -20.83 -8.30 7.81
N LYS A 298 -19.70 -8.78 7.32
CA LYS A 298 -19.12 -8.35 6.05
C LYS A 298 -18.62 -9.60 5.32
N PRO A 299 -19.11 -9.82 4.10
CA PRO A 299 -18.75 -11.00 3.32
C PRO A 299 -17.24 -11.20 3.12
N LEU A 300 -16.80 -12.43 3.32
CA LEU A 300 -15.40 -12.79 3.26
C LEU A 300 -14.82 -12.96 1.85
N GLY A 301 -15.67 -13.15 0.85
CA GLY A 301 -15.18 -13.59 -0.45
C GLY A 301 -15.26 -15.12 -0.53
N ALA A 302 -14.35 -15.73 -1.29
CA ALA A 302 -14.36 -17.19 -1.39
C ALA A 302 -13.58 -17.78 -0.24
N VAL A 303 -14.28 -18.27 0.78
CA VAL A 303 -13.60 -18.71 1.99
C VAL A 303 -12.73 -19.95 1.72
N ALA A 304 -11.71 -20.10 2.57
CA ALA A 304 -10.74 -21.18 2.42
C ALA A 304 -11.29 -22.51 2.93
N LEU A 305 -12.27 -22.42 3.81
CA LEU A 305 -12.93 -23.60 4.38
C LEU A 305 -13.83 -24.29 3.36
N LYS A 306 -13.43 -25.48 2.91
CA LYS A 306 -14.17 -26.25 1.91
C LYS A 306 -15.69 -26.38 2.13
N SER A 307 -16.07 -26.86 3.32
CA SER A 307 -17.48 -27.11 3.66
C SER A 307 -18.40 -25.90 3.53
N TYR A 308 -17.94 -24.75 4.03
CA TYR A 308 -18.71 -23.51 3.95
C TYR A 308 -18.61 -22.91 2.55
N GLU A 309 -17.44 -23.07 1.92
CA GLU A 309 -17.24 -22.50 0.59
C GLU A 309 -18.15 -23.19 -0.46
N GLU A 310 -18.43 -24.46 -0.24
CA GLU A 310 -19.32 -25.22 -1.12
C GLU A 310 -20.66 -24.51 -1.28
N GLU A 311 -21.12 -23.90 -0.19
CA GLU A 311 -22.36 -23.14 -0.20
C GLU A 311 -22.19 -21.75 -0.80
N LEU A 312 -21.13 -21.06 -0.40
CA LEU A 312 -20.91 -19.70 -0.89
C LEU A 312 -20.64 -19.67 -2.40
N ALA A 313 -20.03 -20.73 -2.93
CA ALA A 313 -19.67 -20.78 -4.35
C ALA A 313 -20.88 -20.66 -5.29
N LYS A 314 -22.08 -20.89 -4.75
CA LYS A 314 -23.32 -20.77 -5.52
C LYS A 314 -23.74 -19.32 -5.72
N ASP A 315 -23.15 -18.40 -4.95
CA ASP A 315 -23.49 -16.99 -5.08
C ASP A 315 -22.84 -16.46 -6.37
N PRO A 316 -23.63 -15.83 -7.24
CA PRO A 316 -23.08 -15.28 -8.49
C PRO A 316 -22.03 -14.17 -8.23
N ARG A 317 -22.18 -13.45 -7.14
CA ARG A 317 -21.19 -12.45 -6.75
C ARG A 317 -19.89 -13.16 -6.41
N ILE A 318 -20.00 -14.36 -5.85
CA ILE A 318 -18.80 -15.12 -5.50
C ILE A 318 -18.13 -15.66 -6.75
N ALA A 319 -18.93 -16.08 -7.74
CA ALA A 319 -18.41 -16.56 -9.02
C ALA A 319 -17.66 -15.45 -9.78
N ALA A 320 -18.28 -14.27 -9.87
CA ALA A 320 -17.65 -13.08 -10.45
C ALA A 320 -16.27 -12.80 -9.83
N THR A 321 -16.20 -12.94 -8.50
CA THR A 321 -14.97 -12.77 -7.74
C THR A 321 -13.86 -13.71 -8.19
N MET A 322 -14.20 -14.99 -8.31
CA MET A 322 -13.22 -16.00 -8.71
C MET A 322 -12.87 -15.87 -10.19
N GLU A 323 -13.80 -15.36 -10.99
CA GLU A 323 -13.51 -15.03 -12.38
C GLU A 323 -12.45 -13.92 -12.45
N ASN A 324 -12.62 -12.87 -11.65
CA ASN A 324 -11.60 -11.83 -11.58
C ASN A 324 -10.29 -12.37 -11.04
N ALA A 325 -10.37 -13.20 -10.01
CA ALA A 325 -9.17 -13.81 -9.43
C ALA A 325 -8.43 -14.68 -10.44
N GLN A 326 -9.18 -15.42 -11.25
CA GLN A 326 -8.65 -16.24 -12.32
C GLN A 326 -7.81 -15.41 -13.30
N LYS A 327 -8.35 -14.29 -13.75
CA LYS A 327 -7.67 -13.42 -14.72
C LYS A 327 -6.49 -12.66 -14.11
N GLY A 328 -6.43 -12.61 -12.77
CA GLY A 328 -5.34 -11.98 -12.06
C GLY A 328 -4.34 -12.98 -11.49
N GLU A 329 -3.68 -12.61 -10.39
CA GLU A 329 -2.59 -13.39 -9.80
C GLU A 329 -2.61 -13.27 -8.29
N ILE A 330 -2.45 -14.39 -7.59
CA ILE A 330 -2.30 -14.36 -6.15
C ILE A 330 -0.95 -13.74 -5.82
N MET A 331 -0.97 -12.72 -4.96
CA MET A 331 0.22 -11.99 -4.56
C MET A 331 1.32 -12.91 -4.04
N PRO A 332 2.56 -12.56 -4.34
CA PRO A 332 3.74 -13.08 -3.63
C PRO A 332 3.64 -12.70 -2.17
N ASN A 333 4.34 -13.38 -1.28
CA ASN A 333 4.30 -12.98 0.12
C ASN A 333 5.66 -12.54 0.65
N ILE A 334 6.63 -12.46 -0.24
CA ILE A 334 7.99 -12.14 0.17
C ILE A 334 8.08 -10.79 0.88
N PRO A 335 9.11 -10.61 1.73
CA PRO A 335 9.31 -9.37 2.48
C PRO A 335 9.27 -8.12 1.59
N GLN A 336 9.75 -8.26 0.35
CA GLN A 336 9.91 -7.11 -0.52
C GLN A 336 8.59 -6.54 -1.07
N MET A 337 7.49 -7.25 -0.86
CA MET A 337 6.18 -6.70 -1.25
C MET A 337 5.86 -5.34 -0.63
N SER A 338 6.34 -5.06 0.58
CA SER A 338 5.96 -3.79 1.17
C SER A 338 6.58 -2.67 0.32
N ALA A 339 7.81 -2.92 -0.15
CA ALA A 339 8.51 -1.99 -1.03
C ALA A 339 7.79 -1.87 -2.37
N PHE A 340 7.30 -3.00 -2.87
CA PHE A 340 6.53 -3.00 -4.11
C PHE A 340 5.34 -2.07 -4.01
N TRP A 341 4.53 -2.27 -2.96
CA TRP A 341 3.31 -1.51 -2.81
C TRP A 341 3.61 -0.03 -2.54
N TYR A 342 4.62 0.22 -1.73
CA TYR A 342 5.06 1.58 -1.49
C TYR A 342 5.37 2.27 -2.83
N ALA A 343 6.06 1.53 -3.70
CA ALA A 343 6.44 2.02 -5.02
C ALA A 343 5.23 2.38 -5.88
N VAL A 344 4.28 1.46 -5.99
CA VAL A 344 3.13 1.74 -6.84
C VAL A 344 2.27 2.83 -6.23
N ARG A 345 2.15 2.83 -4.90
CA ARG A 345 1.34 3.83 -4.21
C ARG A 345 1.87 5.22 -4.58
N THR A 346 3.17 5.40 -4.38
CA THR A 346 3.82 6.68 -4.64
C THR A 346 3.63 7.09 -6.10
N ALA A 347 3.90 6.16 -7.01
CA ALA A 347 3.79 6.41 -8.44
C ALA A 347 2.40 6.93 -8.87
N VAL A 348 1.34 6.26 -8.44
CA VAL A 348 0.00 6.65 -8.88
C VAL A 348 -0.39 8.02 -8.33
N ILE A 349 -0.14 8.22 -7.04
CA ILE A 349 -0.45 9.49 -6.40
C ILE A 349 0.37 10.60 -7.05
N ASN A 350 1.66 10.34 -7.25
CA ASN A 350 2.50 11.33 -7.91
C ASN A 350 2.03 11.69 -9.33
N ALA A 351 1.51 10.70 -10.05
CA ALA A 351 1.04 10.93 -11.39
C ALA A 351 -0.32 11.62 -11.37
N ALA A 352 -1.20 11.15 -10.50
CA ALA A 352 -2.58 11.65 -10.45
C ALA A 352 -2.64 13.12 -10.04
N SER A 353 -1.66 13.57 -9.28
CA SER A 353 -1.66 14.94 -8.77
C SER A 353 -0.83 15.85 -9.66
N GLY A 354 -0.10 15.26 -10.61
CA GLY A 354 0.75 16.02 -11.51
C GLY A 354 2.13 16.37 -10.99
N ARG A 355 2.58 15.64 -9.97
CA ARG A 355 3.88 15.88 -9.33
C ARG A 355 5.01 15.23 -10.13
N GLN A 356 4.71 14.14 -10.82
CA GLN A 356 5.61 13.57 -11.82
C GLN A 356 4.84 13.29 -13.08
N THR A 357 5.56 13.10 -14.17
CA THR A 357 4.95 12.57 -15.38
C THR A 357 4.72 11.07 -15.18
N VAL A 358 3.85 10.50 -16.00
CA VAL A 358 3.57 9.08 -15.96
C VAL A 358 4.85 8.28 -16.08
N ASP A 359 5.67 8.62 -17.07
CA ASP A 359 6.96 7.97 -17.29
C ASP A 359 7.91 8.12 -16.10
N ALA A 360 8.04 9.33 -15.58
CA ALA A 360 8.91 9.57 -14.42
C ALA A 360 8.37 8.84 -13.20
N ALA A 361 7.05 8.85 -13.03
CA ALA A 361 6.43 8.21 -11.86
C ALA A 361 6.72 6.70 -11.88
N LEU A 362 6.63 6.10 -13.06
CA LEU A 362 6.78 4.66 -13.16
C LEU A 362 8.27 4.26 -13.17
N ALA A 363 9.12 5.11 -13.71
CA ALA A 363 10.56 4.86 -13.65
C ALA A 363 10.99 4.83 -12.19
N ALA A 364 10.48 5.78 -11.40
CA ALA A 364 10.79 5.80 -9.96
C ALA A 364 10.24 4.57 -9.23
N ALA A 365 9.03 4.14 -9.57
CA ALA A 365 8.44 2.98 -8.88
C ALA A 365 9.28 1.73 -9.11
N GLN A 366 9.66 1.52 -10.37
CA GLN A 366 10.53 0.42 -10.76
C GLN A 366 11.83 0.40 -9.94
N THR A 367 12.34 1.59 -9.64
CA THR A 367 13.52 1.75 -8.81
C THR A 367 13.24 1.48 -7.34
N ASN A 368 12.22 2.16 -6.82
CA ASN A 368 11.76 1.97 -5.44
C ASN A 368 11.46 0.48 -5.13
N ALA A 369 10.71 -0.15 -6.03
CA ALA A 369 10.33 -1.53 -5.84
C ALA A 369 11.53 -2.48 -5.70
N ALA A 370 12.61 -2.19 -6.44
CA ALA A 370 13.77 -3.08 -6.50
C ALA A 370 14.72 -2.89 -5.32
N ALA A 371 14.42 -1.93 -4.45
CA ALA A 371 15.26 -1.69 -3.29
C ALA A 371 14.98 -2.76 -2.24
N SER A 372 15.94 -2.98 -1.34
CA SER A 372 15.80 -3.97 -0.27
C SER A 372 14.55 -3.71 0.55
N ASN A 373 14.45 -2.48 1.06
CA ASN A 373 13.31 -2.04 1.87
C ASN A 373 12.95 -0.58 1.57
N ILE A 374 11.82 -0.13 2.12
CA ILE A 374 11.33 1.22 1.89
C ILE A 374 12.31 2.26 2.41
N ASN A 375 12.87 2.02 3.60
CA ASN A 375 13.75 3.00 4.23
C ASN A 375 15.01 3.22 3.41
N LYS A 376 15.55 2.14 2.87
CA LYS A 376 16.69 2.19 1.97
C LYS A 376 16.32 2.96 0.71
N ALA A 377 15.13 2.69 0.18
CA ALA A 377 14.65 3.35 -1.02
C ALA A 377 14.57 4.86 -0.84
N LYS A 378 14.16 5.30 0.35
CA LYS A 378 13.97 6.72 0.57
C LYS A 378 15.33 7.44 0.63
N VAL A 379 16.32 6.79 1.22
CA VAL A 379 17.66 7.35 1.30
C VAL A 379 18.28 7.43 -0.10
N ALA A 380 18.11 6.37 -0.90
CA ALA A 380 18.63 6.36 -2.26
C ALA A 380 18.05 7.54 -3.02
N SER A 381 16.75 7.74 -2.83
CA SER A 381 16.04 8.86 -3.43
C SER A 381 16.61 10.21 -3.02
N VAL A 382 16.89 10.35 -1.72
CA VAL A 382 17.40 11.62 -1.20
C VAL A 382 18.80 11.89 -1.75
N GLU A 383 19.57 10.82 -1.92
CA GLU A 383 20.88 10.94 -2.56
C GLU A 383 20.77 11.49 -3.97
N SER A 384 19.74 11.03 -4.68
CA SER A 384 19.49 11.45 -6.05
C SER A 384 19.12 12.93 -6.09
N ASP A 385 18.17 13.33 -5.25
CA ASP A 385 17.85 14.74 -5.09
C ASP A 385 19.14 15.53 -4.77
N TYR A 386 19.87 15.09 -3.74
CA TYR A 386 21.11 15.78 -3.31
C TYR A 386 22.07 15.99 -4.47
N SER A 387 22.28 14.92 -5.24
CA SER A 387 23.21 14.93 -6.36
C SER A 387 22.78 15.95 -7.42
N SER A 388 21.48 15.96 -7.76
CA SER A 388 20.96 16.89 -8.77
C SER A 388 21.00 18.36 -8.35
N ILE A 389 20.58 18.62 -7.11
CA ILE A 389 20.63 19.96 -6.52
C ILE A 389 22.07 20.51 -6.41
N LYS A 390 22.99 19.66 -5.96
CA LYS A 390 24.40 20.04 -5.87
C LYS A 390 24.91 20.46 -7.25
N SER A 391 24.73 19.58 -8.23
CA SER A 391 25.13 19.90 -9.59
C SER A 391 24.53 21.22 -10.05
N ALA A 392 23.23 21.39 -9.80
CA ALA A 392 22.54 22.58 -10.26
C ALA A 392 23.08 23.82 -9.56
N ALA A 393 23.34 23.70 -8.26
CA ALA A 393 23.83 24.83 -7.47
C ALA A 393 25.22 25.26 -7.94
N LEU A 394 26.04 24.30 -8.36
CA LEU A 394 27.37 24.63 -8.87
C LEU A 394 27.29 25.19 -10.30
N SER A 395 26.39 24.65 -11.11
CA SER A 395 26.15 25.22 -12.44
C SER A 395 25.69 26.68 -12.31
N TYR A 396 24.73 26.91 -11.43
CA TYR A 396 24.22 28.25 -11.14
C TYR A 396 25.32 29.22 -10.72
N TYR A 397 25.98 28.88 -9.63
CA TYR A 397 27.11 29.63 -9.10
C TYR A 397 28.09 29.95 -10.23
N SER A 398 28.33 28.97 -11.10
CA SER A 398 29.24 29.16 -12.23
C SER A 398 28.73 30.15 -13.27
N ASP A 399 27.43 30.15 -13.56
CA ASP A 399 26.90 31.00 -14.64
C ASP A 399 26.53 32.43 -14.24
N THR A 400 26.30 32.67 -12.95
CA THR A 400 25.80 33.96 -12.52
C THR A 400 26.81 34.70 -11.64
N ASN A 401 27.83 33.97 -11.19
CA ASN A 401 28.81 34.44 -10.22
C ASN A 401 28.15 34.81 -8.89
N LYS A 402 27.02 34.16 -8.58
CA LYS A 402 26.35 34.43 -7.32
C LYS A 402 25.97 33.13 -6.62
N ILE A 403 26.02 33.15 -5.29
CA ILE A 403 25.67 31.98 -4.49
C ILE A 403 24.16 31.81 -4.39
N PRO A 404 23.63 30.75 -5.02
CA PRO A 404 22.19 30.47 -5.03
C PRO A 404 21.64 30.30 -3.62
N VAL A 405 20.57 31.00 -3.24
CA VAL A 405 20.00 30.90 -1.90
C VAL A 405 18.48 31.08 -1.95
N THR A 406 17.73 30.28 -1.19
CA THR A 406 16.29 30.49 -1.10
C THR A 406 16.00 31.81 -0.41
N PRO A 407 15.18 32.67 -1.05
CA PRO A 407 14.78 33.98 -0.53
C PRO A 407 14.35 33.94 0.93
N ASP A 408 14.60 35.01 1.66
CA ASP A 408 14.25 35.05 3.07
C ASP A 408 12.77 34.83 3.28
N GLY A 409 12.43 34.04 4.30
CA GLY A 409 11.05 33.79 4.64
C GLY A 409 10.32 32.89 3.68
N GLN A 410 11.07 32.12 2.88
CA GLN A 410 10.46 31.20 1.92
C GLN A 410 11.16 29.84 1.89
N THR A 411 10.51 28.86 1.27
CA THR A 411 11.15 27.56 1.02
C THR A 411 11.16 27.23 -0.47
N GLY A 412 11.76 26.10 -0.82
CA GLY A 412 11.83 25.66 -2.20
C GLY A 412 13.14 26.06 -2.86
N LEU A 413 13.45 25.40 -3.97
CA LEU A 413 14.69 25.69 -4.71
C LEU A 413 14.38 26.36 -6.04
N ASN A 414 13.27 27.09 -6.09
CA ASN A 414 12.87 27.80 -7.30
C ASN A 414 14.04 28.50 -7.96
N VAL A 415 15.07 28.80 -7.18
CA VAL A 415 16.26 29.48 -7.70
C VAL A 415 16.83 28.74 -8.91
N LEU A 416 17.22 27.49 -8.70
CA LEU A 416 17.79 26.68 -9.78
C LEU A 416 16.70 26.09 -10.65
N GLU A 417 15.53 26.72 -10.65
CA GLU A 417 14.40 26.25 -11.44
C GLU A 417 14.78 26.11 -12.91
N THR A 418 15.60 27.04 -13.40
CA THR A 418 16.05 27.02 -14.79
C THR A 418 17.42 26.37 -14.92
N TYR A 419 17.70 25.40 -14.06
CA TYR A 419 18.98 24.71 -14.08
C TYR A 419 18.76 23.21 -13.91
N MET A 420 17.51 22.82 -13.70
CA MET A 420 17.24 21.41 -13.43
C MET A 420 16.18 20.85 -14.37
N GLU A 421 16.17 19.53 -14.50
CA GLU A 421 15.17 18.84 -15.29
C GLU A 421 13.84 18.82 -14.52
N SER A 422 13.84 18.15 -13.38
CA SER A 422 12.70 18.17 -12.46
C SER A 422 13.14 18.90 -11.20
N LEU A 423 12.27 19.75 -10.65
CA LEU A 423 12.62 20.46 -9.44
C LEU A 423 12.16 19.69 -8.21
N PRO A 424 13.11 19.23 -7.38
CA PRO A 424 12.73 18.50 -6.17
C PRO A 424 12.00 19.42 -5.18
N ASP A 425 10.97 18.87 -4.55
CA ASP A 425 10.12 19.66 -3.67
C ASP A 425 10.36 19.28 -2.22
N LYS A 426 10.23 17.99 -1.94
CA LYS A 426 10.45 17.45 -0.61
C LYS A 426 11.22 16.14 -0.66
N ALA A 427 11.89 15.80 0.44
CA ALA A 427 12.65 14.57 0.51
C ALA A 427 11.75 13.37 0.83
N ASP A 428 12.11 12.20 0.31
CA ASP A 428 11.33 11.00 0.58
C ASP A 428 11.54 10.51 2.02
N ILE A 429 12.52 11.08 2.72
CA ILE A 429 12.68 10.83 4.16
C ILE A 429 11.87 11.83 4.94
N GLY A 430 11.16 12.70 4.23
CA GLY A 430 10.41 13.77 4.86
C GLY A 430 11.15 15.10 4.75
N GLY A 431 10.40 16.18 4.57
CA GLY A 431 10.93 17.52 4.72
C GLY A 431 11.11 18.29 3.42
N GLU A 432 10.49 19.45 3.34
CA GLU A 432 10.66 20.36 2.21
C GLU A 432 12.11 20.84 2.06
N TYR A 433 12.55 20.95 0.81
CA TYR A 433 13.91 21.37 0.50
C TYR A 433 14.06 22.88 0.57
N LYS A 434 15.24 23.33 0.97
CA LYS A 434 15.53 24.74 1.17
C LYS A 434 17.04 25.02 1.06
N LEU A 435 17.41 26.13 0.43
CA LEU A 435 18.81 26.54 0.33
C LEU A 435 19.16 27.68 1.29
N ILE A 436 20.11 27.43 2.19
CA ILE A 436 20.57 28.46 3.13
C ILE A 436 22.10 28.54 3.20
N LYS A 437 22.58 29.63 3.77
CA LYS A 437 24.00 29.77 4.11
C LYS A 437 24.24 29.49 5.59
N VAL A 438 25.37 28.86 5.88
CA VAL A 438 25.85 28.67 7.26
C VAL A 438 27.31 29.06 7.24
N GLY A 439 27.58 30.29 7.63
CA GLY A 439 28.89 30.87 7.43
C GLY A 439 29.27 30.88 5.96
N ASN A 440 30.36 30.18 5.65
CA ASN A 440 31.00 30.22 4.34
C ASN A 440 30.63 28.95 3.57
N LYS A 441 29.42 28.47 3.86
CA LYS A 441 28.93 27.24 3.26
C LYS A 441 27.52 27.41 2.68
N LEU A 442 27.29 26.88 1.49
CA LEU A 442 25.94 26.74 0.94
C LEU A 442 25.40 25.39 1.41
N VAL A 443 24.28 25.41 2.12
CA VAL A 443 23.76 24.19 2.75
C VAL A 443 22.36 23.85 2.29
N LEU A 444 22.11 22.57 1.99
CA LEU A 444 20.77 22.11 1.72
C LEU A 444 20.11 21.71 3.03
N GLN A 445 19.09 22.45 3.42
CA GLN A 445 18.30 22.11 4.59
C GLN A 445 17.06 21.35 4.17
N ILE A 446 16.78 20.29 4.91
CA ILE A 446 15.66 19.41 4.62
C ILE A 446 14.67 19.47 5.77
N GLY A 447 13.51 20.07 5.51
CA GLY A 447 12.49 20.17 6.52
C GLY A 447 12.72 21.25 7.58
N LYS A 448 11.88 21.18 8.60
CA LYS A 448 11.90 22.10 9.73
C LYS A 448 11.65 21.27 10.97
N ASP A 449 11.96 21.81 12.14
CA ASP A 449 11.61 21.11 13.37
C ASP A 449 10.09 21.03 13.43
N GLY A 450 9.57 19.81 13.45
CA GLY A 450 8.14 19.58 13.46
C GLY A 450 7.59 19.19 12.10
N GLU A 451 8.40 19.38 11.07
CA GLU A 451 8.01 18.99 9.71
C GLU A 451 9.29 18.69 8.91
N GLY A 452 9.99 17.65 9.36
CA GLY A 452 11.29 17.33 8.82
C GLY A 452 11.46 15.86 8.49
N VAL A 453 12.69 15.38 8.62
CA VAL A 453 13.05 14.06 8.17
C VAL A 453 12.85 13.06 9.28
N THR A 454 12.80 11.79 8.90
CA THR A 454 12.75 10.70 9.85
C THR A 454 13.77 9.67 9.45
N LEU A 455 14.64 9.28 10.38
CA LEU A 455 15.70 8.34 10.05
C LEU A 455 15.88 7.24 11.09
N THR A 456 16.10 6.02 10.61
CA THR A 456 16.57 4.94 11.46
C THR A 456 18.07 5.05 11.48
N GLU A 457 18.72 4.28 12.35
CA GLU A 457 20.18 4.22 12.38
C GLU A 457 20.73 3.71 11.05
N ALA A 458 20.10 2.66 10.53
CA ALA A 458 20.52 2.07 9.27
C ALA A 458 20.46 3.09 8.12
N GLN A 459 19.44 3.95 8.13
CA GLN A 459 19.31 4.97 7.10
C GLN A 459 20.41 6.00 7.25
N SER A 460 20.69 6.34 8.51
CA SER A 460 21.75 7.28 8.85
C SER A 460 23.10 6.75 8.38
N ALA A 461 23.39 5.51 8.73
CA ALA A 461 24.63 4.87 8.33
C ALA A 461 24.82 4.93 6.81
N LYS A 462 23.78 4.52 6.06
CA LYS A 462 23.89 4.50 4.61
C LYS A 462 24.12 5.91 4.05
N LEU A 463 23.38 6.88 4.57
CA LEU A 463 23.54 8.26 4.15
C LEU A 463 24.96 8.80 4.38
N LEU A 464 25.51 8.47 5.54
CA LEU A 464 26.81 8.98 5.89
C LEU A 464 27.85 8.35 4.95
N SER A 465 27.67 7.06 4.68
CA SER A 465 28.63 6.35 3.87
C SER A 465 28.60 6.84 2.44
N ASP A 466 27.38 7.05 1.93
CA ASP A 466 27.21 7.43 0.54
C ASP A 466 27.52 8.91 0.27
N ILE A 467 27.33 9.75 1.27
CA ILE A 467 27.49 11.20 1.07
C ILE A 467 28.85 11.67 1.60
N GLY A 468 29.31 11.00 2.65
CA GLY A 468 30.64 11.28 3.17
C GLY A 468 30.65 11.93 4.53
N LYS A 469 31.86 12.08 5.05
CA LYS A 469 32.08 12.71 6.35
C LYS A 469 32.03 14.23 6.26
N ASP A 470 31.67 14.88 7.36
CA ASP A 470 31.62 16.33 7.46
C ASP A 470 30.69 16.94 6.41
N LYS A 471 29.52 16.32 6.21
CA LYS A 471 28.53 16.80 5.24
C LYS A 471 27.18 17.00 5.91
N ILE A 472 26.77 15.98 6.67
CA ILE A 472 25.43 15.89 7.20
C ILE A 472 25.39 16.28 8.66
N TYR A 473 24.55 17.26 8.98
CA TYR A 473 24.44 17.75 10.36
C TYR A 473 22.97 17.78 10.79
N THR A 474 22.75 17.73 12.12
CA THR A 474 21.40 17.58 12.65
C THR A 474 20.88 18.86 13.32
N GLY A 475 21.64 19.95 13.18
CA GLY A 475 21.23 21.22 13.73
C GLY A 475 22.22 22.30 13.35
N VAL A 476 21.76 23.54 13.46
CA VAL A 476 22.58 24.72 13.14
C VAL A 476 22.28 25.83 14.14
N THR A 477 23.32 26.54 14.60
CA THR A 477 23.16 27.72 15.45
C THR A 477 23.78 28.94 14.83
N GLY A 478 22.98 29.71 14.10
CA GLY A 478 23.50 30.87 13.39
C GLY A 478 24.36 30.48 12.20
N ASP A 479 25.66 30.68 12.33
CA ASP A 479 26.55 30.38 11.20
C ASP A 479 27.56 29.29 11.53
N ASN A 480 27.26 28.50 12.56
CA ASN A 480 28.03 27.30 12.83
C ASN A 480 27.13 26.07 12.88
N PHE A 481 27.75 24.90 12.74
CA PHE A 481 27.02 23.63 12.71
C PHE A 481 26.90 23.00 14.08
N GLY A 482 25.82 22.27 14.27
CA GLY A 482 25.64 21.46 15.46
C GLY A 482 26.27 20.10 15.27
N GLU A 483 25.66 19.11 15.91
CA GLU A 483 26.08 17.73 15.81
C GLU A 483 25.97 17.26 14.38
N GLN A 484 27.06 16.66 13.91
CA GLN A 484 27.03 15.86 12.72
C GLN A 484 26.37 14.49 12.91
N LEU A 485 25.71 14.04 11.84
CA LEU A 485 25.02 12.76 11.81
C LEU A 485 26.04 11.68 12.14
N LYS A 486 25.62 10.68 12.90
CA LYS A 486 26.42 9.49 13.16
C LYS A 486 25.69 8.27 12.62
N ASP A 487 26.39 7.15 12.46
CA ASP A 487 25.73 5.95 11.93
C ASP A 487 24.76 5.34 12.93
N THR A 488 24.78 5.85 14.16
CA THR A 488 23.93 5.35 15.24
C THR A 488 22.75 6.25 15.58
N THR A 489 22.62 7.40 14.91
CA THR A 489 21.58 8.34 15.27
C THR A 489 20.26 8.04 14.56
N LYS A 490 19.17 8.14 15.32
CA LYS A 490 17.85 8.09 14.73
C LYS A 490 17.22 9.45 14.90
N ILE A 491 16.31 9.82 14.00
CA ILE A 491 15.74 11.16 13.98
C ILE A 491 14.26 11.04 13.82
N ASP A 492 13.53 11.79 14.62
CA ASP A 492 12.09 11.74 14.62
C ASP A 492 11.54 13.11 14.32
N ASN A 493 11.29 13.37 13.04
CA ASN A 493 10.52 14.53 12.63
C ASN A 493 11.30 15.84 12.87
N LYS A 494 12.55 15.86 12.44
CA LYS A 494 13.43 17.01 12.64
C LYS A 494 14.11 17.46 11.35
N ALA A 495 14.55 18.71 11.31
CA ALA A 495 15.31 19.21 10.17
C ALA A 495 16.67 18.49 10.03
N LEU A 496 17.20 18.48 8.82
CA LEU A 496 18.51 17.91 8.53
C LEU A 496 19.24 18.85 7.59
N TYR A 497 20.57 18.76 7.59
CA TYR A 497 21.40 19.67 6.80
C TYR A 497 22.52 18.94 6.09
N ILE A 498 22.62 19.17 4.78
CA ILE A 498 23.71 18.60 4.03
C ILE A 498 24.42 19.70 3.28
N VAL A 499 25.73 19.83 3.53
CA VAL A 499 26.53 20.85 2.85
C VAL A 499 26.54 20.56 1.37
N LEU A 500 26.28 21.58 0.56
CA LEU A 500 26.45 21.45 -0.89
C LEU A 500 27.81 22.01 -1.33
N ILE A 501 28.20 23.12 -0.72
CA ILE A 501 29.49 23.74 -1.02
C ILE A 501 30.17 24.10 0.29
N ASP A 502 31.37 23.56 0.53
CA ASP A 502 32.10 23.86 1.76
C ASP A 502 32.65 25.27 1.73
N ASN A 503 32.85 25.79 0.53
CA ASN A 503 33.63 27.00 0.34
C ASN A 503 33.05 27.95 -0.70
N THR A 504 32.36 29.00 -0.24
CA THR A 504 31.77 29.98 -1.13
C THR A 504 32.57 31.28 -1.13
N VAL A 505 33.88 31.15 -0.96
CA VAL A 505 34.81 32.27 -0.89
C VAL A 505 34.59 33.30 -2.00
#